data_2MM8
#
_entry.id   2MM8
#
_cell.length_a   1.000
_cell.length_b   1.000
_cell.length_c   1.000
_cell.angle_alpha   90.00
_cell.angle_beta   90.00
_cell.angle_gamma   90.00
#
_symmetry.space_group_name_H-M   'P 1'
#
_entity_poly.entity_id   1
_entity_poly.type   'polypeptide(L)'
_entity_poly.pdbx_seq_one_letter_code
;MGPVNEANCKAAMEIVCRREFGHKEEEDASEGVTTGDPDCPFTKAIPREEYANKYGPTIGDKIRLGDTDLIAEIEKDFAL
YGDESVFGGGKVIHHHHHH
;
_entity_poly.pdbx_strand_id   A
#
# COMPACT_ATOMS: atom_id res chain seq x y z
N VAL A 4 32.27 -8.56 -9.74
CA VAL A 4 32.38 -8.00 -11.09
C VAL A 4 31.98 -6.51 -11.04
N ASN A 5 32.85 -5.69 -10.47
CA ASN A 5 32.60 -4.27 -10.17
C ASN A 5 33.73 -3.33 -10.62
N GLU A 6 34.99 -3.70 -10.36
CA GLU A 6 36.18 -2.85 -10.58
C GLU A 6 37.37 -3.62 -11.18
N ALA A 7 38.03 -4.47 -10.39
CA ALA A 7 39.21 -5.30 -10.71
C ALA A 7 40.51 -4.56 -11.14
N ASN A 8 41.60 -4.70 -10.37
CA ASN A 8 42.89 -4.08 -10.65
C ASN A 8 43.65 -4.75 -11.82
N CYS A 9 43.82 -6.07 -11.78
CA CYS A 9 44.76 -6.79 -12.65
C CYS A 9 44.13 -7.42 -13.91
N LYS A 10 42.88 -7.04 -14.23
CA LYS A 10 42.09 -7.43 -15.45
C LYS A 10 42.17 -8.91 -15.89
N ALA A 11 42.29 -9.78 -14.88
CA ALA A 11 42.32 -11.24 -14.97
C ALA A 11 42.06 -11.92 -13.60
N ALA A 12 42.44 -11.28 -12.50
CA ALA A 12 42.43 -11.84 -11.13
C ALA A 12 41.10 -12.50 -10.70
N MET A 13 39.95 -11.92 -11.07
CA MET A 13 38.61 -12.46 -10.84
C MET A 13 38.24 -13.68 -11.73
N GLU A 14 39.23 -14.31 -12.36
CA GLU A 14 39.07 -15.49 -13.21
C GLU A 14 40.22 -16.49 -13.10
N ILE A 15 41.35 -16.13 -12.47
CA ILE A 15 42.60 -16.93 -12.41
C ILE A 15 42.36 -18.35 -11.89
N VAL A 16 41.49 -18.51 -10.88
CA VAL A 16 41.02 -19.85 -10.45
C VAL A 16 39.56 -19.82 -9.95
N CYS A 17 39.24 -19.08 -8.89
CA CYS A 17 37.86 -18.94 -8.37
C CYS A 17 37.70 -17.71 -7.43
N ARG A 18 38.02 -16.51 -7.91
CA ARG A 18 37.84 -15.25 -7.15
C ARG A 18 36.79 -14.34 -7.79
N ARG A 19 36.04 -13.59 -6.99
CA ARG A 19 35.17 -12.48 -7.41
C ARG A 19 35.11 -11.44 -6.29
N GLU A 20 35.53 -10.21 -6.57
CA GLU A 20 35.66 -9.08 -5.63
C GLU A 20 36.22 -9.52 -4.25
N PHE A 21 35.41 -9.60 -3.18
CA PHE A 21 35.76 -10.32 -1.95
C PHE A 21 35.16 -11.74 -1.95
N GLY A 22 33.83 -11.87 -1.84
CA GLY A 22 33.11 -13.15 -1.89
C GLY A 22 31.88 -13.07 -2.79
N HIS A 23 31.72 -14.05 -3.70
CA HIS A 23 30.59 -14.29 -4.63
C HIS A 23 30.03 -13.09 -5.42
N LYS A 24 29.32 -12.16 -4.77
CA LYS A 24 28.67 -10.99 -5.41
C LYS A 24 29.51 -9.73 -5.19
N GLU A 25 29.80 -9.38 -3.94
CA GLU A 25 30.46 -8.14 -3.53
C GLU A 25 31.39 -8.36 -2.31
N GLU A 26 30.83 -8.61 -1.11
CA GLU A 26 31.58 -8.72 0.14
C GLU A 26 31.40 -10.12 0.77
N GLU A 27 30.20 -10.44 1.26
CA GLU A 27 29.76 -11.83 1.54
C GLU A 27 28.22 -11.92 1.43
N ASP A 28 27.48 -11.40 2.39
CA ASP A 28 26.00 -11.44 2.43
C ASP A 28 25.37 -10.04 2.60
N ALA A 29 24.47 -9.70 1.67
CA ALA A 29 23.56 -8.57 1.70
C ALA A 29 22.42 -8.80 0.66
N SER A 30 21.70 -9.92 0.75
CA SER A 30 20.68 -10.34 -0.23
C SER A 30 19.44 -11.01 0.40
N GLU A 31 19.39 -11.14 1.71
CA GLU A 31 18.53 -12.05 2.45
C GLU A 31 17.92 -11.40 3.71
N GLY A 32 17.05 -12.16 4.40
CA GLY A 32 16.56 -11.85 5.75
C GLY A 32 15.53 -10.70 5.84
N VAL A 33 15.09 -10.11 4.72
CA VAL A 33 13.99 -9.14 4.65
C VAL A 33 13.47 -9.00 3.21
N THR A 34 12.16 -9.00 3.01
CA THR A 34 11.51 -8.66 1.72
C THR A 34 10.11 -8.04 1.89
N THR A 35 9.61 -7.37 0.86
CA THR A 35 8.19 -7.11 0.57
C THR A 35 7.72 -8.10 -0.50
N GLY A 36 6.55 -8.69 -0.30
CA GLY A 36 5.94 -9.70 -1.18
C GLY A 36 4.70 -10.39 -0.58
N ASP A 37 3.98 -11.15 -1.40
CA ASP A 37 2.80 -11.94 -1.04
C ASP A 37 2.80 -13.33 -1.73
N PRO A 38 3.45 -14.37 -1.16
CA PRO A 38 3.58 -15.67 -1.81
C PRO A 38 2.27 -16.45 -1.94
N ASP A 39 1.35 -16.28 -0.99
CA ASP A 39 0.09 -17.04 -0.92
C ASP A 39 -1.15 -16.22 -1.33
N CYS A 40 -1.05 -14.88 -1.32
CA CYS A 40 -2.13 -13.94 -1.65
C CYS A 40 -1.86 -13.15 -2.95
N PRO A 41 -1.99 -13.76 -4.16
CA PRO A 41 -1.74 -13.11 -5.45
C PRO A 41 -2.82 -12.09 -5.89
N PHE A 42 -3.37 -11.32 -4.93
CA PHE A 42 -4.51 -10.40 -5.09
C PHE A 42 -4.59 -9.33 -3.98
N THR A 43 -3.48 -9.03 -3.27
CA THR A 43 -3.51 -8.14 -2.07
C THR A 43 -3.85 -6.68 -2.38
N LYS A 44 -3.47 -6.16 -3.57
CA LYS A 44 -3.35 -4.70 -3.86
C LYS A 44 -2.39 -4.01 -2.88
N ALA A 45 -2.38 -2.67 -2.87
CA ALA A 45 -1.66 -1.85 -1.88
C ALA A 45 -2.13 -2.09 -0.44
N ILE A 46 -1.33 -1.62 0.54
CA ILE A 46 -1.54 -1.87 1.98
C ILE A 46 -2.99 -1.61 2.40
N PRO A 47 -3.74 -2.62 2.92
CA PRO A 47 -5.08 -2.39 3.44
C PRO A 47 -4.99 -1.57 4.74
N ARG A 48 -5.94 -0.64 4.89
CA ARG A 48 -6.08 0.27 6.03
C ARG A 48 -7.46 0.06 6.61
N GLU A 49 -7.65 -1.05 7.33
CA GLU A 49 -8.99 -1.64 7.55
C GLU A 49 -9.88 -0.83 8.50
N GLU A 50 -9.28 0.07 9.30
CA GLU A 50 -9.95 1.04 10.18
C GLU A 50 -9.98 2.45 9.55
N TYR A 51 -9.55 2.59 8.29
CA TYR A 51 -9.44 3.84 7.54
C TYR A 51 -9.57 3.57 6.02
N ALA A 52 -10.62 2.83 5.63
CA ALA A 52 -10.96 2.51 4.24
C ALA A 52 -11.66 3.67 3.49
N ASN A 53 -11.76 4.82 4.15
CA ASN A 53 -12.48 6.07 3.81
C ASN A 53 -12.12 6.71 2.44
N LYS A 54 -11.22 6.11 1.67
CA LYS A 54 -10.75 6.58 0.35
C LYS A 54 -10.84 5.52 -0.76
N TYR A 55 -11.42 4.34 -0.48
CA TYR A 55 -11.42 3.19 -1.40
C TYR A 55 -12.70 2.34 -1.33
N GLY A 56 -13.24 2.10 -0.13
CA GLY A 56 -14.42 1.22 0.05
C GLY A 56 -15.74 1.86 -0.39
N PRO A 57 -16.80 1.06 -0.68
CA PRO A 57 -18.16 1.54 -0.95
C PRO A 57 -18.89 1.99 0.33
N THR A 58 -18.32 1.72 1.51
CA THR A 58 -18.79 2.22 2.81
C THR A 58 -18.43 3.70 3.02
N ILE A 59 -19.13 4.37 3.95
CA ILE A 59 -18.95 5.79 4.32
C ILE A 59 -19.42 6.79 3.25
N GLY A 60 -19.99 7.92 3.68
CA GLY A 60 -20.48 9.02 2.83
C GLY A 60 -21.94 8.89 2.38
N ASP A 61 -22.56 10.04 2.04
CA ASP A 61 -23.88 10.11 1.41
C ASP A 61 -23.85 9.56 -0.03
N LYS A 62 -23.91 8.24 -0.12
CA LYS A 62 -24.31 7.48 -1.31
C LYS A 62 -25.86 7.31 -1.39
N ILE A 63 -26.60 7.92 -0.46
CA ILE A 63 -27.94 7.47 -0.08
C ILE A 63 -28.99 7.98 -1.07
N ARG A 64 -29.33 9.26 -1.00
CA ARG A 64 -30.45 9.85 -1.77
C ARG A 64 -30.02 10.99 -2.68
N LEU A 65 -28.87 11.60 -2.41
CA LEU A 65 -28.33 12.74 -3.15
C LEU A 65 -27.04 12.38 -3.92
N GLY A 66 -26.59 11.12 -3.82
CA GLY A 66 -25.46 10.57 -4.58
C GLY A 66 -25.81 10.18 -6.03
N ASP A 67 -24.83 9.60 -6.73
CA ASP A 67 -24.85 9.40 -8.20
C ASP A 67 -24.69 7.90 -8.56
N THR A 68 -25.55 7.01 -8.01
CA THR A 68 -25.43 5.55 -8.21
C THR A 68 -26.74 4.73 -8.14
N ASP A 69 -27.82 5.26 -7.57
CA ASP A 69 -29.10 4.57 -7.32
C ASP A 69 -29.02 3.26 -6.53
N LEU A 70 -29.01 3.38 -5.20
CA LEU A 70 -29.12 2.29 -4.23
C LEU A 70 -30.14 2.59 -3.11
N ILE A 71 -30.06 3.79 -2.50
CA ILE A 71 -30.79 4.18 -1.28
C ILE A 71 -30.50 3.25 -0.06
N ALA A 72 -31.08 3.57 1.11
CA ALA A 72 -30.94 2.85 2.39
C ALA A 72 -29.53 2.89 3.07
N GLU A 73 -29.50 3.49 4.28
CA GLU A 73 -28.31 3.75 5.14
C GLU A 73 -27.04 4.18 4.40
N ILE A 74 -26.11 3.26 4.06
CA ILE A 74 -24.98 3.47 3.15
C ILE A 74 -24.58 2.14 2.50
N GLU A 75 -24.34 1.14 3.35
CA GLU A 75 -23.84 -0.19 3.02
C GLU A 75 -24.14 -1.13 4.21
N LYS A 76 -23.67 -0.77 5.40
CA LYS A 76 -23.94 -1.39 6.71
C LYS A 76 -23.70 -0.39 7.86
N ASP A 77 -24.27 0.81 7.73
CA ASP A 77 -24.37 1.85 8.78
C ASP A 77 -23.04 2.31 9.43
N PHE A 78 -21.92 2.40 8.71
CA PHE A 78 -20.62 2.77 9.31
C PHE A 78 -20.54 4.22 9.82
N ALA A 79 -20.97 5.20 9.00
CA ALA A 79 -20.70 6.62 9.25
C ALA A 79 -21.86 7.40 9.89
N LEU A 80 -23.01 6.76 10.10
CA LEU A 80 -24.26 7.38 10.56
C LEU A 80 -24.69 8.57 9.66
N TYR A 81 -24.35 9.81 10.05
CA TYR A 81 -24.78 11.07 9.45
C TYR A 81 -23.68 12.15 9.53
N GLY A 82 -23.63 13.06 8.58
CA GLY A 82 -22.73 14.24 8.63
C GLY A 82 -22.84 15.24 7.47
N ASP A 83 -23.57 14.87 6.42
CA ASP A 83 -23.57 15.46 5.08
C ASP A 83 -24.97 15.74 4.49
N GLU A 84 -26.03 15.54 5.28
CA GLU A 84 -27.41 15.90 4.94
C GLU A 84 -27.79 17.28 5.50
N SER A 85 -28.11 17.40 6.80
CA SER A 85 -28.59 18.65 7.43
C SER A 85 -27.95 18.94 8.79
N VAL A 86 -28.04 18.00 9.75
CA VAL A 86 -27.52 18.08 11.13
C VAL A 86 -28.15 19.23 11.95
N PHE A 87 -27.49 20.41 12.05
CA PHE A 87 -27.97 21.58 12.79
C PHE A 87 -27.14 22.84 12.44
N GLY A 88 -26.68 23.63 13.42
CA GLY A 88 -25.83 24.81 13.25
C GLY A 88 -24.37 24.52 12.86
N GLY A 89 -23.52 25.55 12.93
CA GLY A 89 -22.10 25.48 12.58
C GLY A 89 -21.46 26.87 12.46
N GLY A 90 -20.41 26.99 11.65
CA GLY A 90 -19.61 28.21 11.48
C GLY A 90 -20.28 29.32 10.65
N LYS A 91 -21.41 29.85 11.14
CA LYS A 91 -22.15 30.96 10.49
C LYS A 91 -22.79 31.87 11.55
N VAL A 92 -22.29 33.11 11.70
CA VAL A 92 -22.79 34.14 12.62
C VAL A 92 -22.83 35.53 11.92
N ILE A 93 -22.77 36.64 12.67
CA ILE A 93 -23.03 38.03 12.23
C ILE A 93 -21.78 38.80 11.83
N VAL A 4 38.93 -6.16 -15.43
CA VAL A 4 40.32 -6.66 -15.60
C VAL A 4 40.33 -8.18 -15.73
N ASN A 5 41.24 -8.69 -16.57
CA ASN A 5 41.51 -10.09 -16.91
C ASN A 5 40.31 -10.82 -17.55
N GLU A 6 39.23 -11.07 -16.80
CA GLU A 6 38.00 -11.71 -17.27
C GLU A 6 36.74 -10.91 -16.85
N ALA A 7 36.70 -10.48 -15.59
CA ALA A 7 35.61 -9.75 -14.91
C ALA A 7 34.27 -10.50 -14.75
N ASN A 8 33.80 -10.54 -13.50
CA ASN A 8 32.50 -11.06 -13.06
C ASN A 8 31.85 -10.07 -12.09
N CYS A 9 32.12 -10.21 -10.78
CA CYS A 9 31.54 -9.43 -9.68
C CYS A 9 32.18 -8.04 -9.58
N LYS A 10 32.02 -7.20 -10.61
CA LYS A 10 32.35 -5.75 -10.68
C LYS A 10 33.42 -5.31 -9.67
N ALA A 11 34.67 -5.64 -10.00
CA ALA A 11 35.90 -5.33 -9.25
C ALA A 11 35.99 -5.83 -7.79
N ALA A 12 35.01 -6.55 -7.25
CA ALA A 12 35.15 -7.25 -5.96
C ALA A 12 35.92 -8.58 -6.11
N MET A 13 35.68 -9.30 -7.22
CA MET A 13 36.08 -10.72 -7.41
C MET A 13 37.57 -11.05 -7.22
N GLU A 14 38.47 -10.11 -7.47
CA GLU A 14 39.93 -10.27 -7.35
C GLU A 14 40.51 -9.52 -6.14
N ILE A 15 39.70 -8.70 -5.49
CA ILE A 15 40.12 -7.69 -4.52
C ILE A 15 39.79 -8.12 -3.08
N VAL A 16 38.60 -8.70 -2.85
CA VAL A 16 38.09 -9.09 -1.53
C VAL A 16 37.77 -10.59 -1.54
N CYS A 17 38.45 -11.36 -0.66
CA CYS A 17 38.32 -12.81 -0.40
C CYS A 17 38.60 -13.79 -1.58
N ARG A 18 38.22 -13.42 -2.80
CA ARG A 18 38.36 -14.06 -4.12
C ARG A 18 37.76 -15.46 -4.28
N ARG A 19 36.89 -15.57 -5.30
CA ARG A 19 36.38 -16.82 -5.93
C ARG A 19 36.18 -16.57 -7.42
N GLU A 20 34.97 -16.82 -7.93
CA GLU A 20 34.55 -16.78 -9.34
C GLU A 20 33.00 -16.80 -9.37
N PHE A 21 32.39 -16.87 -10.57
CA PHE A 21 30.93 -16.83 -10.75
C PHE A 21 30.31 -15.56 -10.12
N GLY A 22 29.41 -15.67 -9.15
CA GLY A 22 28.79 -14.55 -8.40
C GLY A 22 28.08 -13.51 -9.27
N HIS A 23 27.73 -12.34 -8.67
CA HIS A 23 27.16 -11.21 -9.43
C HIS A 23 27.33 -9.83 -8.79
N LYS A 24 27.20 -9.69 -7.45
CA LYS A 24 27.31 -8.42 -6.70
C LYS A 24 28.21 -8.53 -5.45
N GLU A 25 27.69 -8.97 -4.30
CA GLU A 25 28.45 -9.05 -3.02
C GLU A 25 28.67 -10.52 -2.58
N GLU A 26 28.07 -11.01 -1.49
CA GLU A 26 28.25 -12.40 -1.01
C GLU A 26 27.73 -13.45 -2.02
N GLU A 27 26.44 -13.39 -2.35
CA GLU A 27 25.70 -14.14 -3.39
C GLU A 27 24.28 -13.57 -3.55
N ASP A 28 23.54 -13.54 -2.44
CA ASP A 28 22.08 -13.59 -2.36
C ASP A 28 21.61 -13.01 -1.02
N ALA A 29 21.03 -11.78 -1.03
CA ALA A 29 20.76 -11.02 0.20
C ALA A 29 19.63 -9.97 0.10
N SER A 30 19.14 -9.63 -1.10
CA SER A 30 18.22 -8.52 -1.34
C SER A 30 16.77 -8.93 -1.62
N GLU A 31 16.28 -9.97 -0.91
CA GLU A 31 14.97 -10.60 -1.15
C GLU A 31 14.40 -11.24 0.13
N GLY A 32 13.20 -11.82 0.05
CA GLY A 32 12.62 -12.70 1.06
C GLY A 32 11.76 -12.03 2.14
N VAL A 33 11.47 -10.73 2.04
CA VAL A 33 10.83 -9.96 3.12
C VAL A 33 9.35 -9.61 2.86
N THR A 34 9.00 -8.89 1.79
CA THR A 34 7.60 -8.48 1.50
C THR A 34 7.39 -8.26 0.00
N THR A 35 6.25 -8.69 -0.56
CA THR A 35 5.94 -8.60 -2.01
C THR A 35 4.92 -7.51 -2.35
N GLY A 36 4.94 -7.00 -3.58
CA GLY A 36 4.20 -5.81 -4.03
C GLY A 36 5.00 -4.51 -3.86
N ASP A 37 4.38 -3.36 -4.09
CA ASP A 37 5.08 -2.08 -4.32
C ASP A 37 5.61 -1.45 -3.01
N PRO A 38 6.90 -1.07 -2.93
CA PRO A 38 7.49 -0.48 -1.71
C PRO A 38 7.52 1.05 -1.73
N ASP A 39 8.04 1.67 -2.79
CA ASP A 39 8.20 3.12 -2.95
C ASP A 39 7.20 3.66 -4.01
N CYS A 40 6.00 3.05 -4.06
CA CYS A 40 4.93 3.35 -5.02
C CYS A 40 3.52 3.13 -4.41
N PRO A 41 2.48 3.81 -4.90
CA PRO A 41 1.20 3.95 -4.20
C PRO A 41 0.28 2.73 -4.26
N PHE A 42 0.71 1.62 -4.86
CA PHE A 42 -0.07 0.36 -4.97
C PHE A 42 -0.08 -0.45 -3.67
N THR A 43 1.02 -0.38 -2.90
CA THR A 43 1.25 -1.05 -1.61
C THR A 43 1.02 -2.60 -1.67
N LYS A 44 0.56 -3.20 -0.58
CA LYS A 44 0.27 -4.64 -0.38
C LYS A 44 -0.77 -4.79 0.75
N ALA A 45 -1.18 -6.04 1.03
CA ALA A 45 -2.23 -6.34 2.01
C ALA A 45 -1.84 -6.01 3.47
N ILE A 46 -2.00 -4.73 3.87
CA ILE A 46 -1.80 -4.19 5.21
C ILE A 46 -3.17 -3.67 5.72
N PRO A 47 -4.11 -4.57 6.07
CA PRO A 47 -5.50 -4.19 6.34
C PRO A 47 -5.63 -3.26 7.55
N ARG A 48 -6.64 -2.38 7.50
CA ARG A 48 -6.98 -1.38 8.54
C ARG A 48 -7.64 -2.03 9.76
N GLU A 49 -6.92 -2.85 10.49
CA GLU A 49 -7.39 -3.62 11.65
C GLU A 49 -8.11 -2.75 12.71
N GLU A 50 -7.64 -1.51 12.90
CA GLU A 50 -8.18 -0.54 13.88
C GLU A 50 -9.20 0.44 13.28
N TYR A 51 -9.42 0.41 11.96
CA TYR A 51 -10.18 1.45 11.23
C TYR A 51 -10.97 0.91 10.02
N ALA A 52 -11.34 -0.37 10.04
CA ALA A 52 -12.21 -0.99 9.05
C ALA A 52 -13.69 -0.66 9.37
N ASN A 53 -14.00 0.63 9.49
CA ASN A 53 -15.33 1.16 9.82
C ASN A 53 -16.26 1.31 8.61
N LYS A 54 -15.70 1.19 7.40
CA LYS A 54 -16.37 1.19 6.10
C LYS A 54 -16.07 -0.10 5.33
N TYR A 55 -16.88 -0.41 4.30
CA TYR A 55 -16.65 -1.47 3.30
C TYR A 55 -16.78 -2.94 3.79
N GLY A 56 -16.34 -3.24 5.01
CA GLY A 56 -16.55 -4.53 5.69
C GLY A 56 -17.88 -4.64 6.47
N PRO A 57 -18.17 -3.73 7.40
CA PRO A 57 -19.45 -3.71 8.15
C PRO A 57 -20.59 -3.08 7.32
N THR A 58 -21.71 -2.74 7.97
CA THR A 58 -22.65 -1.74 7.42
C THR A 58 -22.00 -0.36 7.31
N ILE A 59 -22.46 0.46 6.37
CA ILE A 59 -21.94 1.77 5.90
C ILE A 59 -20.66 1.71 5.04
N GLY A 60 -20.49 2.72 4.16
CA GLY A 60 -19.23 3.03 3.52
C GLY A 60 -18.74 2.14 2.38
N ASP A 61 -19.49 1.14 1.92
CA ASP A 61 -19.19 0.41 0.67
C ASP A 61 -19.68 1.17 -0.58
N LYS A 62 -20.78 0.76 -1.22
CA LYS A 62 -21.08 1.07 -2.63
C LYS A 62 -21.68 2.47 -2.92
N ILE A 63 -22.00 3.24 -1.88
CA ILE A 63 -22.76 4.52 -1.87
C ILE A 63 -22.59 5.39 -3.14
N ARG A 64 -21.33 5.65 -3.55
CA ARG A 64 -20.95 6.12 -4.89
C ARG A 64 -19.66 5.46 -5.40
N LEU A 65 -18.79 5.01 -4.50
CA LEU A 65 -17.49 4.40 -4.79
C LEU A 65 -17.58 2.87 -4.94
N GLY A 66 -18.75 2.37 -5.32
CA GLY A 66 -18.92 1.00 -5.82
C GLY A 66 -18.43 0.85 -7.26
N ASP A 67 -18.86 -0.22 -7.92
CA ASP A 67 -18.59 -0.50 -9.34
C ASP A 67 -19.84 -1.04 -10.07
N THR A 68 -20.69 -1.84 -9.41
CA THR A 68 -21.97 -2.32 -9.98
C THR A 68 -23.18 -1.46 -9.60
N ASP A 69 -23.10 -0.73 -8.48
CA ASP A 69 -24.28 -0.15 -7.81
C ASP A 69 -24.53 1.33 -8.15
N LEU A 70 -25.71 1.85 -7.79
CA LEU A 70 -26.21 3.14 -8.28
C LEU A 70 -25.87 4.32 -7.36
N ILE A 71 -26.76 4.68 -6.42
CA ILE A 71 -26.57 5.74 -5.42
C ILE A 71 -27.51 5.54 -4.21
N ALA A 72 -27.24 6.28 -3.13
CA ALA A 72 -27.93 6.29 -1.83
C ALA A 72 -27.60 5.09 -0.94
N GLU A 73 -27.01 5.41 0.22
CA GLU A 73 -26.67 4.53 1.34
C GLU A 73 -26.12 3.13 0.97
N ILE A 74 -26.42 2.09 1.77
CA ILE A 74 -26.02 0.71 1.51
C ILE A 74 -27.30 -0.15 1.40
N GLU A 75 -27.98 -0.35 2.51
CA GLU A 75 -29.20 -1.18 2.58
C GLU A 75 -30.37 -0.47 3.28
N LYS A 76 -30.08 0.34 4.31
CA LYS A 76 -31.02 1.27 5.00
C LYS A 76 -30.28 2.00 6.12
N ASP A 77 -29.58 3.08 5.77
CA ASP A 77 -28.51 3.64 6.59
C ASP A 77 -28.31 5.18 6.47
N PHE A 78 -27.94 5.84 7.59
CA PHE A 78 -27.41 7.22 7.58
C PHE A 78 -26.04 7.36 6.89
N ALA A 79 -25.38 6.24 6.54
CA ALA A 79 -24.23 6.14 5.65
C ALA A 79 -22.89 6.77 6.08
N LEU A 80 -22.77 7.32 7.31
CA LEU A 80 -21.59 7.97 7.89
C LEU A 80 -21.18 9.28 7.18
N TYR A 81 -21.25 10.42 7.89
CA TYR A 81 -21.01 11.78 7.38
C TYR A 81 -22.06 12.26 6.36
N GLY A 82 -22.59 13.46 6.55
CA GLY A 82 -23.80 13.96 5.87
C GLY A 82 -24.77 14.56 6.87
N ASP A 83 -26.02 14.08 6.89
CA ASP A 83 -27.10 14.33 7.87
C ASP A 83 -26.71 13.89 9.30
N GLU A 84 -25.67 14.55 9.83
CA GLU A 84 -24.86 14.13 10.96
C GLU A 84 -23.98 15.30 11.45
N SER A 85 -23.39 16.12 10.56
CA SER A 85 -22.64 17.35 10.89
C SER A 85 -22.37 18.34 9.73
N VAL A 86 -21.92 17.87 8.57
CA VAL A 86 -21.42 18.67 7.41
C VAL A 86 -20.46 19.81 7.81
N PHE A 87 -20.92 21.07 7.78
CA PHE A 87 -20.14 22.29 7.99
C PHE A 87 -21.10 23.48 8.20
N GLY A 88 -20.67 24.55 8.89
CA GLY A 88 -21.47 25.75 9.09
C GLY A 88 -20.67 26.97 9.61
N GLY A 89 -21.41 28.02 9.97
CA GLY A 89 -20.87 29.31 10.43
C GLY A 89 -21.92 30.14 11.19
N GLY A 90 -21.70 31.46 11.29
CA GLY A 90 -22.64 32.42 11.88
C GLY A 90 -22.07 33.15 13.11
N LYS A 91 -21.12 34.06 12.89
CA LYS A 91 -20.44 34.85 13.93
C LYS A 91 -20.26 36.31 13.49
N VAL A 92 -20.54 37.27 14.37
CA VAL A 92 -20.50 38.73 14.10
C VAL A 92 -19.23 39.40 14.70
N ILE A 93 -18.11 38.65 14.73
CA ILE A 93 -16.75 39.12 15.06
C ILE A 93 -15.77 38.53 14.03
N VAL A 4 44.56 -12.94 -19.11
CA VAL A 4 45.59 -13.41 -18.19
C VAL A 4 45.51 -14.92 -18.05
N ASN A 5 46.20 -15.65 -18.94
CA ASN A 5 46.39 -17.11 -18.94
C ASN A 5 45.10 -17.97 -18.99
N GLU A 6 44.34 -17.96 -17.90
CA GLU A 6 43.00 -18.54 -17.74
C GLU A 6 42.10 -17.53 -17.03
N ALA A 7 42.43 -17.23 -15.74
CA ALA A 7 41.72 -16.35 -14.81
C ALA A 7 40.24 -16.67 -14.55
N ASN A 8 39.81 -16.53 -13.29
CA ASN A 8 38.42 -16.59 -12.86
C ASN A 8 37.66 -15.29 -13.21
N CYS A 9 37.56 -14.33 -12.29
CA CYS A 9 36.72 -13.14 -12.41
C CYS A 9 37.32 -12.03 -13.30
N LYS A 10 37.72 -12.36 -14.55
CA LYS A 10 38.08 -11.45 -15.67
C LYS A 10 38.37 -9.97 -15.32
N ALA A 11 39.57 -9.72 -14.77
CA ALA A 11 40.06 -8.39 -14.35
C ALA A 11 39.18 -7.60 -13.35
N ALA A 12 38.33 -8.31 -12.58
CA ALA A 12 37.48 -7.78 -11.52
C ALA A 12 37.91 -8.22 -10.10
N MET A 13 38.56 -9.38 -9.97
CA MET A 13 38.94 -10.05 -8.71
C MET A 13 39.84 -9.23 -7.76
N GLU A 14 39.22 -8.40 -6.92
CA GLU A 14 39.88 -7.35 -6.13
C GLU A 14 40.55 -6.28 -7.01
N ILE A 15 39.89 -5.96 -8.15
CA ILE A 15 40.37 -5.03 -9.17
C ILE A 15 39.26 -4.00 -9.48
N VAL A 16 38.24 -4.40 -10.24
CA VAL A 16 37.11 -3.52 -10.62
C VAL A 16 35.85 -3.75 -9.77
N CYS A 17 35.61 -5.00 -9.32
CA CYS A 17 34.50 -5.36 -8.43
C CYS A 17 34.72 -6.78 -7.89
N ARG A 18 35.01 -6.97 -6.59
CA ARG A 18 35.14 -8.33 -6.02
C ARG A 18 33.80 -9.00 -5.68
N ARG A 19 33.66 -10.26 -6.10
CA ARG A 19 32.58 -11.20 -5.78
C ARG A 19 33.17 -12.61 -5.80
N GLU A 20 32.35 -13.65 -5.91
CA GLU A 20 32.78 -15.03 -6.21
C GLU A 20 33.62 -15.73 -5.11
N PHE A 21 33.62 -17.06 -5.10
CA PHE A 21 34.09 -17.88 -3.98
C PHE A 21 33.25 -17.60 -2.70
N GLY A 22 33.75 -17.89 -1.49
CA GLY A 22 33.06 -17.53 -0.23
C GLY A 22 31.69 -18.19 -0.03
N HIS A 23 31.42 -19.29 -0.75
CA HIS A 23 30.14 -20.03 -0.88
C HIS A 23 28.97 -19.21 -1.48
N LYS A 24 28.75 -17.95 -1.06
CA LYS A 24 27.67 -17.05 -1.54
C LYS A 24 28.19 -15.71 -2.06
N GLU A 25 28.75 -14.85 -1.20
CA GLU A 25 29.20 -13.49 -1.53
C GLU A 25 30.53 -13.11 -0.85
N GLU A 26 30.50 -12.50 0.34
CA GLU A 26 31.70 -12.05 1.07
C GLU A 26 32.27 -13.18 1.94
N GLU A 27 31.45 -13.71 2.84
CA GLU A 27 31.57 -15.03 3.54
C GLU A 27 30.24 -15.22 4.31
N ASP A 28 30.03 -14.40 5.34
CA ASP A 28 28.89 -14.44 6.28
C ASP A 28 27.87 -13.31 6.00
N ALA A 29 26.68 -13.40 6.58
CA ALA A 29 25.64 -12.36 6.71
C ALA A 29 24.96 -11.83 5.42
N SER A 30 25.18 -12.43 4.25
CA SER A 30 24.50 -12.09 2.98
C SER A 30 23.52 -13.16 2.48
N GLU A 31 22.68 -13.73 3.35
CA GLU A 31 21.59 -14.63 2.92
C GLU A 31 20.47 -14.80 3.96
N GLY A 32 19.31 -15.28 3.52
CA GLY A 32 18.09 -15.46 4.32
C GLY A 32 17.17 -14.24 4.36
N VAL A 33 17.45 -13.22 3.54
CA VAL A 33 16.68 -11.98 3.39
C VAL A 33 16.95 -11.36 2.01
N THR A 34 15.95 -10.61 1.51
CA THR A 34 16.02 -9.67 0.37
C THR A 34 14.92 -8.61 0.54
N THR A 35 15.14 -7.41 0.01
CA THR A 35 14.07 -6.41 -0.26
C THR A 35 14.02 -6.09 -1.76
N GLY A 36 12.94 -5.44 -2.20
CA GLY A 36 12.78 -5.01 -3.58
C GLY A 36 11.29 -4.89 -3.94
N ASP A 37 10.76 -3.68 -4.02
CA ASP A 37 9.32 -3.42 -4.09
C ASP A 37 8.86 -2.79 -5.42
N PRO A 38 8.78 -3.56 -6.54
CA PRO A 38 8.41 -3.05 -7.86
C PRO A 38 6.98 -2.49 -7.92
N ASP A 39 6.08 -3.02 -7.10
CA ASP A 39 4.67 -2.62 -7.03
C ASP A 39 4.35 -1.75 -5.80
N CYS A 40 5.32 -1.52 -4.91
CA CYS A 40 5.15 -0.74 -3.67
C CYS A 40 6.31 0.27 -3.45
N PRO A 41 6.56 1.22 -4.38
CA PRO A 41 7.71 2.13 -4.30
C PRO A 41 7.65 3.09 -3.10
N PHE A 42 6.47 3.60 -2.74
CA PHE A 42 6.23 4.32 -1.47
C PHE A 42 4.73 4.55 -1.15
N THR A 43 3.84 3.70 -1.69
CA THR A 43 2.38 3.98 -1.69
C THR A 43 1.68 3.62 -0.36
N LYS A 44 0.50 4.20 -0.13
CA LYS A 44 -0.35 3.95 1.05
C LYS A 44 -1.60 3.14 0.69
N ALA A 45 -2.30 2.64 1.71
CA ALA A 45 -3.49 1.82 1.58
C ALA A 45 -4.64 2.51 0.81
N ILE A 46 -5.65 1.73 0.40
CA ILE A 46 -6.83 2.20 -0.35
C ILE A 46 -8.08 2.13 0.54
N PRO A 47 -8.31 3.10 1.44
CA PRO A 47 -9.61 3.29 2.09
C PRO A 47 -10.60 3.94 1.12
N ARG A 48 -11.90 3.92 1.46
CA ARG A 48 -12.95 4.58 0.67
C ARG A 48 -13.06 6.03 1.15
N GLU A 49 -12.50 6.97 0.39
CA GLU A 49 -12.54 8.42 0.66
C GLU A 49 -13.82 9.13 0.16
N GLU A 50 -14.74 8.36 -0.42
CA GLU A 50 -15.86 8.84 -1.25
C GLU A 50 -17.14 8.00 -1.07
N TYR A 51 -17.11 7.02 -0.16
CA TYR A 51 -18.11 6.00 0.17
C TYR A 51 -17.67 5.32 1.49
N ALA A 52 -18.46 4.43 2.13
CA ALA A 52 -18.15 3.94 3.48
C ALA A 52 -18.54 2.46 3.75
N ASN A 53 -18.31 1.57 2.79
CA ASN A 53 -18.85 0.19 2.76
C ASN A 53 -18.20 -0.81 3.77
N LYS A 54 -17.77 -0.33 4.93
CA LYS A 54 -17.30 -1.12 6.08
C LYS A 54 -17.42 -0.26 7.34
N TYR A 55 -17.88 -0.83 8.46
CA TYR A 55 -18.05 -0.15 9.76
C TYR A 55 -19.14 0.92 9.84
N GLY A 56 -19.38 1.71 8.80
CA GLY A 56 -20.48 2.67 8.73
C GLY A 56 -21.82 2.01 8.36
N PRO A 57 -22.90 2.15 9.17
CA PRO A 57 -24.21 1.59 8.83
C PRO A 57 -24.99 2.49 7.85
N THR A 58 -24.93 3.81 8.06
CA THR A 58 -25.36 4.85 7.11
C THR A 58 -24.42 4.90 5.91
N ILE A 59 -24.75 5.69 4.89
CA ILE A 59 -24.16 5.66 3.53
C ILE A 59 -24.54 4.36 2.82
N GLY A 60 -24.03 3.22 3.29
CA GLY A 60 -24.46 1.89 2.85
C GLY A 60 -23.51 0.76 3.22
N ASP A 61 -23.83 0.02 4.28
CA ASP A 61 -23.07 -1.19 4.67
C ASP A 61 -23.35 -2.37 3.72
N LYS A 62 -24.63 -2.67 3.45
CA LYS A 62 -25.04 -3.63 2.42
C LYS A 62 -26.37 -3.22 1.74
N ILE A 63 -26.25 -2.54 0.61
CA ILE A 63 -27.36 -2.03 -0.23
C ILE A 63 -27.09 -2.30 -1.72
N ARG A 64 -27.09 -1.28 -2.59
CA ARG A 64 -26.81 -1.36 -4.04
C ARG A 64 -25.43 -1.93 -4.35
N LEU A 65 -24.39 -1.58 -3.58
CA LEU A 65 -23.04 -2.11 -3.70
C LEU A 65 -22.85 -3.28 -2.71
N GLY A 66 -23.82 -4.18 -2.64
CA GLY A 66 -23.83 -5.35 -1.78
C GLY A 66 -23.38 -6.60 -2.53
N ASP A 67 -24.32 -7.50 -2.80
CA ASP A 67 -24.13 -8.73 -3.61
C ASP A 67 -25.50 -9.24 -4.11
N THR A 68 -26.42 -9.49 -3.17
CA THR A 68 -27.80 -9.93 -3.47
C THR A 68 -28.79 -9.56 -2.33
N ASP A 69 -28.63 -8.36 -1.76
CA ASP A 69 -29.48 -7.83 -0.69
C ASP A 69 -30.64 -6.98 -1.26
N LEU A 70 -31.35 -6.24 -0.40
CA LEU A 70 -32.61 -5.55 -0.71
C LEU A 70 -32.45 -4.17 -1.39
N ILE A 71 -31.36 -3.99 -2.12
CA ILE A 71 -30.99 -2.81 -2.93
C ILE A 71 -31.16 -1.47 -2.16
N ALA A 72 -31.39 -0.35 -2.86
CA ALA A 72 -31.72 1.01 -2.36
C ALA A 72 -30.95 1.50 -1.11
N GLU A 73 -29.97 2.40 -1.32
CA GLU A 73 -29.31 3.15 -0.23
C GLU A 73 -30.24 4.17 0.44
N ILE A 74 -29.75 4.82 1.51
CA ILE A 74 -30.53 5.71 2.37
C ILE A 74 -31.32 6.75 1.58
N GLU A 75 -30.65 7.52 0.72
CA GLU A 75 -31.23 8.57 -0.17
C GLU A 75 -30.43 8.71 -1.46
N LYS A 76 -29.13 9.07 -1.35
CA LYS A 76 -28.22 9.38 -2.47
C LYS A 76 -26.74 9.31 -2.06
N ASP A 77 -26.35 8.22 -1.40
CA ASP A 77 -25.04 7.97 -0.81
C ASP A 77 -24.61 8.92 0.34
N PHE A 78 -24.83 10.24 0.26
CA PHE A 78 -24.49 11.24 1.31
C PHE A 78 -25.32 11.14 2.63
N ALA A 79 -25.79 9.95 3.00
CA ALA A 79 -26.52 9.54 4.21
C ALA A 79 -27.84 10.28 4.57
N LEU A 80 -28.03 11.52 4.14
CA LEU A 80 -29.17 12.38 4.49
C LEU A 80 -29.61 13.23 3.30
N TYR A 81 -28.68 13.99 2.69
CA TYR A 81 -28.89 14.64 1.39
C TYR A 81 -27.59 15.09 0.71
N GLY A 82 -26.62 15.62 1.46
CA GLY A 82 -25.34 16.12 0.91
C GLY A 82 -24.29 16.42 1.98
N ASP A 83 -24.72 17.03 3.11
CA ASP A 83 -23.96 17.26 4.33
C ASP A 83 -24.92 17.25 5.55
N GLU A 84 -24.38 17.16 6.77
CA GLU A 84 -25.17 17.08 8.02
C GLU A 84 -25.18 18.39 8.83
N SER A 85 -24.09 19.16 8.84
CA SER A 85 -24.06 20.52 9.41
C SER A 85 -23.11 21.47 8.69
N VAL A 86 -21.79 21.31 8.88
CA VAL A 86 -20.69 22.14 8.33
C VAL A 86 -20.66 23.58 8.90
N PHE A 87 -19.48 24.20 8.92
CA PHE A 87 -19.25 25.58 9.37
C PHE A 87 -19.60 25.80 10.86
N GLY A 88 -20.17 26.95 11.25
CA GLY A 88 -20.59 27.25 12.63
C GLY A 88 -19.62 28.13 13.42
N GLY A 89 -19.70 28.08 14.76
CA GLY A 89 -18.80 28.80 15.68
C GLY A 89 -19.44 29.11 17.05
N GLY A 90 -18.77 29.95 17.84
CA GLY A 90 -19.30 30.50 19.09
C GLY A 90 -18.22 31.17 19.95
N LYS A 91 -18.18 32.51 19.96
CA LYS A 91 -17.27 33.33 20.77
C LYS A 91 -17.99 34.57 21.31
N VAL A 92 -18.02 34.71 22.63
CA VAL A 92 -18.63 35.85 23.36
C VAL A 92 -17.61 36.52 24.31
N ILE A 93 -16.30 36.38 24.02
CA ILE A 93 -15.17 37.04 24.69
C ILE A 93 -14.22 37.57 23.62
N VAL A 4 46.62 -5.58 -14.21
CA VAL A 4 46.24 -5.00 -15.52
C VAL A 4 45.07 -4.02 -15.33
N ASN A 5 45.32 -2.90 -14.65
CA ASN A 5 44.39 -1.87 -14.20
C ASN A 5 43.24 -2.35 -13.28
N GLU A 6 42.36 -3.24 -13.72
CA GLU A 6 41.24 -3.76 -12.92
C GLU A 6 41.01 -5.26 -13.17
N ALA A 7 40.52 -5.97 -12.14
CA ALA A 7 40.49 -7.44 -12.05
C ALA A 7 41.83 -8.06 -12.51
N ASN A 8 41.81 -9.23 -13.16
CA ASN A 8 42.92 -9.71 -13.99
C ASN A 8 42.49 -10.83 -14.95
N CYS A 9 41.70 -11.78 -14.45
CA CYS A 9 41.24 -12.96 -15.19
C CYS A 9 39.89 -12.74 -15.91
N LYS A 10 39.42 -11.48 -15.98
CA LYS A 10 38.25 -10.91 -16.70
C LYS A 10 36.85 -11.56 -16.56
N ALA A 11 36.74 -12.76 -15.99
CA ALA A 11 35.50 -13.41 -15.54
C ALA A 11 35.48 -13.67 -14.02
N ALA A 12 36.65 -13.68 -13.36
CA ALA A 12 36.81 -13.98 -11.93
C ALA A 12 36.12 -12.99 -10.95
N MET A 13 35.43 -11.96 -11.46
CA MET A 13 34.49 -11.15 -10.67
C MET A 13 33.08 -11.77 -10.57
N GLU A 14 32.82 -12.96 -11.12
CA GLU A 14 31.53 -13.67 -10.92
C GLU A 14 31.60 -15.21 -10.91
N ILE A 15 32.79 -15.83 -10.91
CA ILE A 15 32.95 -17.29 -11.08
C ILE A 15 32.24 -18.11 -9.98
N VAL A 16 32.33 -17.70 -8.71
CA VAL A 16 31.53 -18.28 -7.60
C VAL A 16 30.85 -17.16 -6.79
N CYS A 17 31.60 -16.38 -6.00
CA CYS A 17 31.02 -15.28 -5.23
C CYS A 17 32.06 -14.17 -4.93
N ARG A 18 32.23 -13.25 -5.87
CA ARG A 18 33.17 -12.12 -5.82
C ARG A 18 32.48 -10.84 -6.34
N ARG A 19 32.84 -9.69 -5.77
CA ARG A 19 32.86 -8.35 -6.41
C ARG A 19 33.96 -7.55 -5.71
N GLU A 20 33.62 -6.73 -4.71
CA GLU A 20 34.55 -6.19 -3.70
C GLU A 20 33.97 -6.33 -2.29
N PHE A 21 32.84 -5.68 -2.01
CA PHE A 21 32.13 -5.62 -0.71
C PHE A 21 30.62 -5.33 -0.91
N GLY A 22 29.82 -5.38 0.16
CA GLY A 22 28.35 -5.33 0.07
C GLY A 22 27.76 -6.51 -0.73
N HIS A 23 26.46 -6.49 -1.03
CA HIS A 23 25.79 -7.52 -1.85
C HIS A 23 24.68 -7.01 -2.78
N LYS A 24 23.99 -5.91 -2.46
CA LYS A 24 22.98 -5.26 -3.32
C LYS A 24 23.39 -3.82 -3.68
N GLU A 25 22.84 -2.84 -2.96
CA GLU A 25 22.89 -1.40 -3.31
C GLU A 25 23.76 -0.61 -2.32
N GLU A 26 23.18 0.17 -1.40
CA GLU A 26 23.94 0.92 -0.39
C GLU A 26 24.51 -0.03 0.68
N GLU A 27 23.64 -0.83 1.30
CA GLU A 27 23.95 -2.09 2.01
C GLU A 27 22.65 -2.83 2.40
N ASP A 28 21.76 -2.16 3.15
CA ASP A 28 20.64 -2.78 3.88
C ASP A 28 19.32 -2.02 3.62
N ALA A 29 18.39 -2.63 2.88
CA ALA A 29 17.12 -2.00 2.47
C ALA A 29 16.10 -3.03 1.93
N SER A 30 15.88 -4.16 2.62
CA SER A 30 15.06 -5.26 2.07
C SER A 30 14.39 -6.21 3.09
N GLU A 31 14.46 -5.93 4.40
CA GLU A 31 13.86 -6.73 5.48
C GLU A 31 13.25 -5.82 6.57
N GLY A 32 12.83 -6.38 7.70
CA GLY A 32 12.41 -5.61 8.89
C GLY A 32 11.00 -5.00 8.84
N VAL A 33 10.21 -5.35 7.80
CA VAL A 33 8.85 -4.86 7.50
C VAL A 33 8.71 -3.34 7.57
N THR A 34 9.08 -2.67 6.46
CA THR A 34 9.05 -1.21 6.32
C THR A 34 7.67 -0.58 6.55
N THR A 35 7.67 0.65 7.08
CA THR A 35 6.47 1.41 7.47
C THR A 35 6.25 2.56 6.50
N GLY A 36 5.04 2.69 5.97
CA GLY A 36 4.72 3.63 4.90
C GLY A 36 3.25 3.52 4.49
N ASP A 37 2.38 3.98 5.38
CA ASP A 37 0.92 3.76 5.35
C ASP A 37 0.14 5.08 5.51
N PRO A 38 0.43 6.12 4.71
CA PRO A 38 -0.09 7.49 4.92
C PRO A 38 -1.62 7.59 4.81
N ASP A 39 -2.23 6.77 3.94
CA ASP A 39 -3.67 6.60 3.75
C ASP A 39 -4.22 5.36 4.48
N CYS A 40 -3.36 4.61 5.19
CA CYS A 40 -3.65 3.30 5.76
C CYS A 40 -3.38 3.17 7.29
N PRO A 41 -3.67 4.18 8.14
CA PRO A 41 -3.31 4.16 9.56
C PRO A 41 -3.99 3.07 10.39
N PHE A 42 -5.14 2.53 9.95
CA PHE A 42 -5.87 1.46 10.66
C PHE A 42 -6.73 0.59 9.72
N THR A 43 -6.23 0.28 8.52
CA THR A 43 -7.04 -0.38 7.48
C THR A 43 -7.51 -1.76 7.90
N LYS A 44 -8.72 -2.13 7.47
CA LYS A 44 -9.42 -3.38 7.79
C LYS A 44 -8.87 -4.59 7.02
N ALA A 45 -9.57 -5.71 7.09
CA ALA A 45 -9.26 -6.93 6.34
C ALA A 45 -8.97 -6.67 4.85
N ILE A 46 -8.22 -7.58 4.21
CA ILE A 46 -8.06 -7.61 2.75
C ILE A 46 -8.98 -8.72 2.18
N PRO A 47 -10.27 -8.45 1.90
CA PRO A 47 -11.18 -9.42 1.30
C PRO A 47 -10.87 -9.63 -0.19
N ARG A 48 -11.72 -10.37 -0.89
CA ARG A 48 -11.75 -10.45 -2.37
C ARG A 48 -12.20 -9.12 -3.00
N GLU A 49 -11.43 -8.04 -2.86
CA GLU A 49 -11.78 -6.68 -3.37
C GLU A 49 -12.24 -6.67 -4.84
N GLU A 50 -11.56 -7.43 -5.70
CA GLU A 50 -11.91 -7.59 -7.13
C GLU A 50 -13.14 -8.48 -7.38
N TYR A 51 -13.51 -9.33 -6.43
CA TYR A 51 -14.49 -10.42 -6.54
C TYR A 51 -15.35 -10.53 -5.27
N ALA A 52 -15.85 -9.37 -4.79
CA ALA A 52 -16.59 -9.24 -3.54
C ALA A 52 -18.07 -9.59 -3.76
N ASN A 53 -19.00 -8.67 -3.48
CA ASN A 53 -20.45 -8.73 -3.72
C ASN A 53 -21.24 -9.83 -2.99
N LYS A 54 -20.79 -11.09 -3.06
CA LYS A 54 -21.32 -12.28 -2.39
C LYS A 54 -21.22 -12.16 -0.87
N TYR A 55 -22.27 -12.60 -0.16
CA TYR A 55 -22.44 -12.61 1.31
C TYR A 55 -22.41 -11.24 2.01
N GLY A 56 -21.42 -10.41 1.72
CA GLY A 56 -21.32 -9.00 2.12
C GLY A 56 -21.15 -8.10 0.91
N PRO A 57 -22.22 -7.50 0.35
CA PRO A 57 -22.14 -6.46 -0.68
C PRO A 57 -21.70 -5.10 -0.07
N THR A 58 -20.55 -5.12 0.60
CA THR A 58 -19.88 -4.01 1.28
C THR A 58 -18.59 -3.61 0.56
N ILE A 59 -18.12 -2.38 0.77
CA ILE A 59 -17.15 -1.67 -0.11
C ILE A 59 -17.72 -1.55 -1.55
N GLY A 60 -18.95 -1.01 -1.64
CA GLY A 60 -19.65 -0.71 -2.88
C GLY A 60 -19.51 0.75 -3.26
N ASP A 61 -19.27 1.02 -4.55
CA ASP A 61 -19.08 2.37 -5.12
C ASP A 61 -20.34 2.93 -5.78
N LYS A 62 -21.30 2.06 -6.13
CA LYS A 62 -22.58 2.42 -6.79
C LYS A 62 -23.59 3.02 -5.80
N ILE A 63 -23.15 4.05 -5.07
CA ILE A 63 -23.86 4.76 -3.99
C ILE A 63 -24.14 6.20 -4.43
N ARG A 64 -23.34 7.19 -4.00
CA ARG A 64 -23.49 8.62 -4.41
C ARG A 64 -22.58 9.02 -5.58
N LEU A 65 -21.57 8.19 -5.89
CA LEU A 65 -20.78 8.23 -7.13
C LEU A 65 -21.38 7.30 -8.20
N GLY A 66 -22.61 6.81 -7.99
CA GLY A 66 -23.38 6.00 -8.94
C GLY A 66 -23.91 6.82 -10.11
N ASP A 67 -25.22 6.86 -10.27
CA ASP A 67 -25.90 7.61 -11.34
C ASP A 67 -27.34 7.96 -10.91
N THR A 68 -28.16 6.95 -10.59
CA THR A 68 -29.49 7.13 -9.98
C THR A 68 -29.86 5.97 -9.03
N ASP A 69 -28.86 5.38 -8.36
CA ASP A 69 -29.02 4.32 -7.34
C ASP A 69 -29.48 4.92 -5.98
N LEU A 70 -29.65 4.09 -4.95
CA LEU A 70 -30.32 4.43 -3.68
C LEU A 70 -29.53 5.34 -2.71
N ILE A 71 -28.47 6.02 -3.18
CA ILE A 71 -27.78 7.12 -2.49
C ILE A 71 -27.24 6.79 -1.08
N ALA A 72 -26.90 7.79 -0.26
CA ALA A 72 -26.50 7.69 1.15
C ALA A 72 -25.16 6.97 1.43
N GLU A 73 -25.16 5.93 2.29
CA GLU A 73 -23.98 5.26 2.89
C GLU A 73 -23.97 3.73 2.61
N ILE A 74 -22.80 3.09 2.71
CA ILE A 74 -22.62 1.68 2.27
C ILE A 74 -23.29 0.69 3.25
N GLU A 75 -23.16 0.94 4.56
CA GLU A 75 -23.73 0.08 5.63
C GLU A 75 -23.61 0.80 6.99
N LYS A 76 -22.40 1.30 7.29
CA LYS A 76 -22.12 2.20 8.44
C LYS A 76 -20.77 2.90 8.32
N ASP A 77 -19.67 2.15 8.24
CA ASP A 77 -18.30 2.69 8.23
C ASP A 77 -17.29 1.78 7.50
N PHE A 78 -17.72 1.16 6.39
CA PHE A 78 -16.94 0.13 5.67
C PHE A 78 -15.77 0.69 4.86
N ALA A 79 -15.99 1.45 3.79
CA ALA A 79 -14.90 1.95 2.94
C ALA A 79 -14.14 3.17 3.51
N LEU A 80 -14.55 3.65 4.71
CA LEU A 80 -14.25 5.00 5.21
C LEU A 80 -14.72 6.10 4.22
N TYR A 81 -14.45 7.37 4.57
CA TYR A 81 -14.75 8.57 3.77
C TYR A 81 -16.17 8.61 3.18
N GLY A 82 -16.36 9.26 2.02
CA GLY A 82 -17.67 9.46 1.39
C GLY A 82 -18.54 10.49 2.12
N ASP A 83 -17.93 11.54 2.68
CA ASP A 83 -18.60 12.63 3.40
C ASP A 83 -17.97 13.99 3.03
N GLU A 84 -18.79 15.04 2.89
CA GLU A 84 -18.35 16.33 2.31
C GLU A 84 -17.54 17.20 3.30
N SER A 85 -17.89 17.19 4.60
CA SER A 85 -17.33 18.13 5.58
C SER A 85 -17.40 17.63 7.02
N VAL A 86 -18.59 17.23 7.49
CA VAL A 86 -18.91 16.75 8.85
C VAL A 86 -18.58 17.73 10.01
N PHE A 87 -18.04 18.92 9.71
CA PHE A 87 -17.44 19.89 10.64
C PHE A 87 -16.17 19.37 11.35
N GLY A 88 -15.26 20.29 11.70
CA GLY A 88 -14.00 19.99 12.40
C GLY A 88 -13.29 21.19 13.04
N GLY A 89 -12.11 20.92 13.60
CA GLY A 89 -11.21 21.86 14.26
C GLY A 89 -10.03 21.14 14.92
N GLY A 90 -9.06 21.90 15.47
CA GLY A 90 -7.87 21.34 16.13
C GLY A 90 -6.73 22.36 16.28
N LYS A 91 -6.75 23.15 17.37
CA LYS A 91 -5.79 24.24 17.63
C LYS A 91 -5.54 24.46 19.13
N VAL A 92 -4.31 24.84 19.49
CA VAL A 92 -3.88 25.25 20.85
C VAL A 92 -2.87 26.42 20.74
N ILE A 93 -1.97 26.59 21.73
CA ILE A 93 -1.04 27.74 21.91
C ILE A 93 0.42 27.29 21.85
N VAL A 4 36.14 1.94 -0.68
CA VAL A 4 35.08 1.30 0.13
C VAL A 4 35.70 0.76 1.41
N ASN A 5 35.72 1.56 2.48
CA ASN A 5 36.40 1.27 3.76
C ASN A 5 37.88 0.87 3.52
N GLU A 6 38.29 -0.38 3.75
CA GLU A 6 39.64 -0.86 3.43
C GLU A 6 39.87 -1.09 1.92
N ALA A 7 39.00 -1.90 1.30
CA ALA A 7 39.21 -2.62 0.03
C ALA A 7 40.43 -3.56 0.01
N ASN A 8 40.16 -4.87 0.18
CA ASN A 8 41.15 -5.96 0.08
C ASN A 8 41.18 -6.60 -1.32
N CYS A 9 40.05 -6.60 -2.04
CA CYS A 9 39.85 -7.23 -3.34
C CYS A 9 39.86 -6.22 -4.52
N LYS A 10 40.03 -4.92 -4.25
CA LYS A 10 40.25 -3.84 -5.24
C LYS A 10 39.28 -3.86 -6.46
N ALA A 11 38.00 -4.08 -6.18
CA ALA A 11 36.88 -4.22 -7.12
C ALA A 11 37.05 -5.39 -8.12
N ALA A 12 36.90 -6.63 -7.61
CA ALA A 12 37.19 -7.84 -8.38
C ALA A 12 36.14 -8.96 -8.30
N MET A 13 35.61 -9.27 -7.11
CA MET A 13 34.70 -10.43 -6.90
C MET A 13 33.37 -10.15 -7.60
N GLU A 14 33.03 -10.94 -8.64
CA GLU A 14 31.93 -10.64 -9.58
C GLU A 14 31.95 -9.20 -10.17
N ILE A 15 33.16 -8.64 -10.34
CA ILE A 15 33.39 -7.30 -10.92
C ILE A 15 34.41 -7.42 -12.06
N VAL A 16 35.72 -7.32 -11.80
CA VAL A 16 36.79 -7.54 -12.79
C VAL A 16 37.45 -8.90 -12.59
N CYS A 17 38.37 -9.04 -11.62
CA CYS A 17 39.20 -10.25 -11.47
C CYS A 17 38.45 -11.38 -10.72
N ARG A 18 37.60 -12.10 -11.46
CA ARG A 18 36.69 -13.13 -10.98
C ARG A 18 37.44 -14.42 -10.63
N ARG A 19 37.70 -14.65 -9.33
CA ARG A 19 38.37 -15.84 -8.78
C ARG A 19 37.93 -16.14 -7.34
N GLU A 20 37.55 -17.39 -7.11
CA GLU A 20 36.95 -17.94 -5.89
C GLU A 20 35.64 -17.29 -5.42
N PHE A 21 34.78 -18.06 -4.71
CA PHE A 21 33.39 -17.70 -4.42
C PHE A 21 32.56 -17.47 -5.70
N GLY A 22 31.41 -16.77 -5.61
CA GLY A 22 30.51 -16.51 -6.73
C GLY A 22 29.86 -17.76 -7.33
N HIS A 23 29.27 -17.62 -8.52
CA HIS A 23 28.72 -18.74 -9.29
C HIS A 23 28.72 -18.47 -10.81
N LYS A 24 27.82 -17.61 -11.30
CA LYS A 24 27.71 -17.24 -12.73
C LYS A 24 27.89 -15.74 -12.97
N GLU A 25 26.92 -14.96 -12.51
CA GLU A 25 26.85 -13.50 -12.67
C GLU A 25 26.29 -12.88 -11.38
N GLU A 26 27.09 -12.02 -10.73
CA GLU A 26 26.79 -11.28 -9.49
C GLU A 26 26.59 -12.16 -8.24
N GLU A 27 25.58 -13.04 -8.25
CA GLU A 27 25.36 -14.22 -7.39
C GLU A 27 24.25 -15.08 -8.02
N ASP A 28 23.08 -14.48 -8.22
CA ASP A 28 21.84 -15.12 -8.68
C ASP A 28 21.06 -14.25 -9.68
N ALA A 29 20.00 -14.83 -10.28
CA ALA A 29 18.98 -14.10 -11.04
C ALA A 29 17.64 -14.88 -11.07
N SER A 30 17.19 -15.44 -9.95
CA SER A 30 16.15 -16.48 -9.95
C SER A 30 15.11 -16.45 -8.81
N GLU A 31 15.08 -15.42 -7.97
CA GLU A 31 14.13 -15.28 -6.85
C GLU A 31 13.69 -13.81 -6.61
N GLY A 32 13.49 -13.36 -5.37
CA GLY A 32 13.23 -11.96 -5.01
C GLY A 32 11.80 -11.47 -5.28
N VAL A 33 11.66 -10.19 -5.62
CA VAL A 33 10.41 -9.41 -5.86
C VAL A 33 9.52 -9.18 -4.62
N THR A 34 9.56 -10.07 -3.61
CA THR A 34 8.91 -9.89 -2.30
C THR A 34 7.37 -9.79 -2.36
N THR A 35 6.71 -9.54 -1.23
CA THR A 35 5.37 -8.96 -1.11
C THR A 35 5.42 -7.95 0.05
N GLY A 36 4.96 -6.72 -0.17
CA GLY A 36 5.13 -5.65 0.81
C GLY A 36 4.63 -4.27 0.37
N ASP A 37 3.37 -4.16 -0.04
CA ASP A 37 2.70 -2.90 -0.37
C ASP A 37 2.18 -2.18 0.91
N PRO A 38 2.74 -1.02 1.31
CA PRO A 38 2.23 -0.22 2.44
C PRO A 38 1.12 0.76 2.06
N ASP A 39 1.12 1.31 0.83
CA ASP A 39 0.19 2.36 0.39
C ASP A 39 -0.70 1.94 -0.80
N CYS A 40 -0.23 0.98 -1.61
CA CYS A 40 -1.03 0.32 -2.65
C CYS A 40 -2.06 -0.67 -2.03
N PRO A 41 -3.13 -1.06 -2.76
CA PRO A 41 -4.23 -1.88 -2.21
C PRO A 41 -3.90 -3.39 -2.14
N PHE A 42 -2.88 -3.77 -1.37
CA PHE A 42 -2.50 -5.18 -1.14
C PHE A 42 -2.18 -5.47 0.34
N THR A 43 -3.00 -4.93 1.26
CA THR A 43 -2.82 -5.00 2.71
C THR A 43 -2.55 -6.43 3.21
N LYS A 44 -1.47 -6.64 3.95
CA LYS A 44 -1.11 -7.96 4.54
C LYS A 44 -1.38 -8.05 6.05
N ALA A 45 -1.65 -9.27 6.52
CA ALA A 45 -1.87 -9.61 7.93
C ALA A 45 -3.02 -8.86 8.65
N ILE A 46 -4.07 -8.49 7.93
CA ILE A 46 -5.30 -7.90 8.49
C ILE A 46 -6.52 -8.52 7.76
N PRO A 47 -7.20 -9.52 8.35
CA PRO A 47 -8.36 -10.20 7.75
C PRO A 47 -9.64 -9.36 7.84
N ARG A 48 -9.65 -8.16 7.24
CA ARG A 48 -10.77 -7.20 7.25
C ARG A 48 -11.94 -7.62 6.34
N GLU A 49 -12.43 -8.84 6.42
CA GLU A 49 -13.60 -9.28 5.64
C GLU A 49 -14.88 -8.50 6.01
N GLU A 50 -14.91 -7.92 7.22
CA GLU A 50 -16.00 -7.09 7.73
C GLU A 50 -15.87 -5.57 7.43
N TYR A 51 -14.81 -5.09 6.78
CA TYR A 51 -14.55 -3.64 6.57
C TYR A 51 -13.71 -3.32 5.34
N ALA A 52 -13.80 -2.09 4.81
CA ALA A 52 -13.04 -1.64 3.63
C ALA A 52 -13.23 -2.56 2.39
N ASN A 53 -14.43 -3.09 2.19
CA ASN A 53 -14.79 -4.09 1.18
C ASN A 53 -14.47 -3.67 -0.27
N LYS A 54 -14.36 -2.35 -0.54
CA LYS A 54 -14.05 -1.75 -1.84
C LYS A 54 -12.72 -1.01 -1.81
N TYR A 55 -12.53 -0.12 -0.83
CA TYR A 55 -11.26 0.62 -0.64
C TYR A 55 -11.08 1.19 0.77
N GLY A 56 -12.17 1.59 1.43
CA GLY A 56 -12.15 2.35 2.69
C GLY A 56 -13.55 2.77 3.16
N PRO A 57 -13.73 3.95 3.77
CA PRO A 57 -15.04 4.51 4.10
C PRO A 57 -15.67 5.22 2.88
N THR A 58 -16.84 5.82 3.05
CA THR A 58 -17.51 6.64 1.99
C THR A 58 -18.48 7.71 2.55
N ILE A 59 -19.00 7.54 3.78
CA ILE A 59 -19.96 8.45 4.41
C ILE A 59 -19.78 8.49 5.96
N GLY A 60 -18.65 8.01 6.47
CA GLY A 60 -18.54 7.50 7.84
C GLY A 60 -19.18 6.10 7.99
N ASP A 61 -19.63 5.77 9.19
CA ASP A 61 -20.12 4.41 9.54
C ASP A 61 -21.65 4.25 9.34
N LYS A 62 -22.06 4.24 8.05
CA LYS A 62 -23.45 4.02 7.60
C LYS A 62 -23.44 3.44 6.17
N ILE A 63 -23.02 2.17 6.05
CA ILE A 63 -22.80 1.44 4.77
C ILE A 63 -23.04 -0.06 5.02
N ARG A 64 -22.29 -0.65 5.96
CA ARG A 64 -22.58 -1.93 6.66
C ARG A 64 -22.30 -1.82 8.17
N LEU A 65 -22.12 -0.61 8.69
CA LEU A 65 -21.43 -0.29 9.95
C LEU A 65 -22.28 0.54 10.94
N GLY A 66 -23.50 0.96 10.56
CA GLY A 66 -24.43 1.62 11.47
C GLY A 66 -25.07 0.63 12.45
N ASP A 67 -26.26 0.14 12.10
CA ASP A 67 -26.89 -1.06 12.71
C ASP A 67 -27.81 -1.81 11.73
N THR A 68 -28.58 -1.09 10.90
CA THR A 68 -29.42 -1.66 9.83
C THR A 68 -29.35 -0.76 8.60
N ASP A 69 -28.25 -0.92 7.85
CA ASP A 69 -27.98 -0.21 6.60
C ASP A 69 -28.65 -0.92 5.40
N LEU A 70 -28.81 -0.22 4.27
CA LEU A 70 -29.33 -0.83 3.03
C LEU A 70 -28.31 -1.72 2.30
N ILE A 71 -27.04 -1.71 2.75
CA ILE A 71 -25.88 -2.41 2.18
C ILE A 71 -25.42 -1.85 0.83
N ALA A 72 -24.10 -1.92 0.58
CA ALA A 72 -23.37 -1.45 -0.60
C ALA A 72 -23.48 0.07 -0.88
N GLU A 73 -22.34 0.75 -0.76
CA GLU A 73 -22.18 2.21 -0.92
C GLU A 73 -23.32 3.07 -0.35
N ILE A 74 -23.79 4.06 -1.13
CA ILE A 74 -24.69 5.13 -0.70
C ILE A 74 -25.63 5.57 -1.82
N GLU A 75 -25.11 6.21 -2.87
CA GLU A 75 -25.91 6.77 -3.99
C GLU A 75 -25.04 6.97 -5.23
N LYS A 76 -24.06 7.89 -5.15
CA LYS A 76 -22.99 8.06 -6.15
C LYS A 76 -21.65 8.37 -5.49
N ASP A 77 -21.46 9.59 -4.99
CA ASP A 77 -20.40 9.98 -4.05
C ASP A 77 -21.01 10.95 -3.02
N PHE A 78 -20.37 11.13 -1.84
CA PHE A 78 -20.85 12.07 -0.82
C PHE A 78 -19.81 12.49 0.22
N ALA A 79 -18.92 11.58 0.65
CA ALA A 79 -17.83 11.84 1.63
C ALA A 79 -18.25 12.44 2.98
N LEU A 80 -19.54 12.40 3.32
CA LEU A 80 -20.20 13.24 4.34
C LEU A 80 -20.06 14.74 4.04
N TYR A 81 -18.85 15.29 4.17
CA TYR A 81 -18.43 16.59 3.66
C TYR A 81 -16.94 16.53 3.29
N GLY A 82 -16.58 17.21 2.20
CA GLY A 82 -15.20 17.29 1.71
C GLY A 82 -15.08 17.53 0.20
N ASP A 83 -16.19 17.44 -0.53
CA ASP A 83 -16.29 17.65 -1.98
C ASP A 83 -17.33 18.76 -2.30
N GLU A 84 -16.87 20.00 -2.42
CA GLU A 84 -17.62 21.15 -3.01
C GLU A 84 -16.64 22.32 -3.29
N SER A 85 -16.17 23.04 -2.26
CA SER A 85 -15.19 24.13 -2.44
C SER A 85 -14.30 24.44 -1.23
N VAL A 86 -14.85 24.54 -0.01
CA VAL A 86 -14.08 24.76 1.25
C VAL A 86 -14.68 23.88 2.37
N PHE A 87 -15.12 24.45 3.50
CA PHE A 87 -15.77 23.74 4.60
C PHE A 87 -16.54 24.75 5.47
N GLY A 88 -17.68 24.37 6.04
CA GLY A 88 -18.50 25.23 6.90
C GLY A 88 -19.56 24.49 7.73
N GLY A 89 -20.36 25.24 8.49
CA GLY A 89 -21.35 24.68 9.42
C GLY A 89 -22.17 25.68 10.23
N GLY A 90 -22.90 26.58 9.55
CA GLY A 90 -23.86 27.52 10.18
C GLY A 90 -24.95 28.03 9.23
N LYS A 91 -25.69 29.07 9.60
CA LYS A 91 -26.50 29.89 8.68
C LYS A 91 -26.70 31.32 9.18
N VAL A 92 -26.67 32.27 8.25
CA VAL A 92 -27.26 33.61 8.38
C VAL A 92 -28.68 33.60 7.77
N ILE A 93 -29.53 34.57 8.16
CA ILE A 93 -30.96 34.70 7.82
C ILE A 93 -31.34 34.27 6.39
#